data_5YWZ
#
_entry.id   5YWZ
#
_cell.length_a   73.636
_cell.length_b   73.636
_cell.length_c   97.456
_cell.angle_alpha   90.000
_cell.angle_beta   90.000
_cell.angle_gamma   120.000
#
_symmetry.space_group_name_H-M   'P 31 2 1'
#
loop_
_entity.id
_entity.type
_entity.pdbx_description
1 polymer 'SUN domain-containing protein 1'
2 water water
#
_entity_poly.entity_id   1
_entity_poly.type   'polypeptide(L)'
_entity_poly.pdbx_seq_one_letter_code
;SKDELQVLLHDLELKLLQNITHHITVTGQAPTSEAIVSAVNQAGISGITEAQAHIIVNNALKLYSQDKTGMVDFALESGG
GSILSTRCSETYETKTALLSLFGVPLWYFSQSPRVVIQPDIYPGNCWAFKGSQGYLVVRLSMKIYPTTFTMEHIPKTLSP
TGNISSAPKDFAVYGLETEYQEEGQPLGRFTYDQEGDSLQMFHTLERPDQAFQIVELRVLSNWGHPEYTCLYRFRVHGEP
IQ
;
_entity_poly.pdbx_strand_id   A
#
# COMPACT_ATOMS: atom_id res chain seq x y z
N SER A 1 -9.24 -5.48 -28.53
CA SER A 1 -9.01 -4.04 -28.43
C SER A 1 -7.79 -3.74 -27.57
N LYS A 2 -7.28 -2.51 -27.63
CA LYS A 2 -6.10 -2.13 -26.85
C LYS A 2 -6.42 -2.13 -25.35
N ASP A 3 -7.67 -1.85 -25.02
CA ASP A 3 -8.11 -1.88 -23.64
C ASP A 3 -8.05 -3.31 -23.09
N GLU A 4 -8.71 -4.23 -23.78
CA GLU A 4 -8.70 -5.66 -23.42
C GLU A 4 -7.26 -6.15 -23.23
N LEU A 5 -6.38 -5.65 -24.09
CA LEU A 5 -4.97 -5.96 -24.05
C LEU A 5 -4.34 -5.52 -22.73
N GLN A 6 -4.48 -4.23 -22.42
CA GLN A 6 -3.89 -3.67 -21.21
C GLN A 6 -4.43 -4.39 -19.96
N VAL A 7 -5.69 -4.80 -20.04
CA VAL A 7 -6.35 -5.54 -18.97
C VAL A 7 -5.72 -6.92 -18.78
N LEU A 8 -5.51 -7.61 -19.89
CA LEU A 8 -4.97 -8.96 -19.81
C LEU A 8 -3.51 -8.93 -19.35
N LEU A 9 -2.75 -7.93 -19.79
CA LEU A 9 -1.38 -7.80 -19.32
C LEU A 9 -1.34 -7.44 -17.84
N HIS A 10 -2.30 -6.63 -17.42
CA HIS A 10 -2.43 -6.29 -16.01
C HIS A 10 -2.70 -7.54 -15.15
N ASP A 11 -3.62 -8.38 -15.61
CA ASP A 11 -4.01 -9.60 -14.88
C ASP A 11 -2.86 -10.59 -14.86
N LEU A 12 -2.14 -10.67 -15.97
CA LEU A 12 -0.97 -11.53 -16.07
C LEU A 12 0.09 -11.09 -15.04
N GLU A 13 0.38 -9.79 -15.04
CA GLU A 13 1.33 -9.25 -14.07
C GLU A 13 0.89 -9.56 -12.63
N LEU A 14 -0.41 -9.42 -12.37
CA LEU A 14 -0.92 -9.56 -11.00
C LEU A 14 -0.74 -11.01 -10.55
N LYS A 15 -1.06 -11.95 -11.44
CA LYS A 15 -0.80 -13.37 -11.13
C LYS A 15 0.64 -13.55 -10.72
N LEU A 16 1.56 -13.01 -11.52
CA LEU A 16 2.97 -13.21 -11.19
C LEU A 16 3.31 -12.55 -9.86
N LEU A 17 2.76 -11.37 -9.60
CA LEU A 17 3.07 -10.67 -8.36
C LEU A 17 2.53 -11.40 -7.12
N GLN A 18 1.34 -11.98 -7.24
CA GLN A 18 0.72 -12.76 -6.18
C GLN A 18 1.54 -14.01 -5.90
N ASN A 19 2.01 -14.64 -6.97
CA ASN A 19 2.96 -15.73 -6.84
C ASN A 19 4.20 -15.33 -6.02
N ILE A 20 4.83 -14.23 -6.44
CA ILE A 20 6.10 -13.80 -5.84
C ILE A 20 5.90 -13.43 -4.37
N THR A 21 4.81 -12.71 -4.11
CA THR A 21 4.44 -12.29 -2.77
C THR A 21 4.21 -13.49 -1.84
N HIS A 22 3.45 -14.45 -2.35
CA HIS A 22 3.14 -15.65 -1.59
C HIS A 22 4.45 -16.38 -1.23
N HIS A 23 5.32 -16.55 -2.23
CA HIS A 23 6.59 -17.23 -2.00
C HIS A 23 7.48 -16.52 -1.00
N ILE A 24 7.59 -15.19 -1.10
CA ILE A 24 8.38 -14.44 -0.13
C ILE A 24 7.79 -14.53 1.31
N THR A 25 6.47 -14.46 1.41
CA THR A 25 5.82 -14.55 2.71
C THR A 25 6.14 -15.90 3.34
N VAL A 26 5.97 -16.99 2.58
CA VAL A 26 6.17 -18.31 3.14
C VAL A 26 7.65 -18.65 3.38
N THR A 27 8.54 -18.32 2.45
CA THR A 27 9.92 -18.78 2.53
C THR A 27 10.92 -17.68 2.87
N GLY A 28 10.53 -16.43 2.72
CA GLY A 28 11.46 -15.35 2.98
C GLY A 28 12.39 -15.08 1.81
N GLN A 29 12.15 -15.77 0.70
CA GLN A 29 12.92 -15.54 -0.54
C GLN A 29 12.03 -15.46 -1.76
N ALA A 30 12.49 -14.68 -2.75
CA ALA A 30 11.88 -14.68 -4.08
C ALA A 30 11.99 -16.07 -4.71
N PRO A 31 11.06 -16.43 -5.60
CA PRO A 31 11.17 -17.74 -6.24
C PRO A 31 12.31 -17.78 -7.24
N THR A 32 12.73 -18.97 -7.66
CA THR A 32 13.81 -19.09 -8.65
C THR A 32 13.33 -18.59 -10.00
N SER A 33 14.27 -18.37 -10.92
CA SER A 33 13.93 -18.04 -12.30
C SER A 33 13.04 -19.12 -12.90
N GLU A 34 13.36 -20.37 -12.55
CA GLU A 34 12.63 -21.51 -13.05
C GLU A 34 11.18 -21.55 -12.57
N ALA A 35 10.94 -21.23 -11.30
CA ALA A 35 9.55 -21.20 -10.84
C ALA A 35 8.80 -20.11 -11.62
N ILE A 36 9.45 -19.01 -11.92
CA ILE A 36 8.80 -17.92 -12.64
C ILE A 36 8.48 -18.36 -14.08
N VAL A 37 9.42 -19.03 -14.73
CA VAL A 37 9.17 -19.56 -16.06
C VAL A 37 7.91 -20.40 -16.00
N SER A 38 7.84 -21.26 -14.99
CA SER A 38 6.70 -22.14 -14.82
C SER A 38 5.36 -21.40 -14.58
N ALA A 39 5.36 -20.40 -13.72
CA ALA A 39 4.16 -19.58 -13.48
C ALA A 39 3.72 -18.84 -14.75
N VAL A 40 4.68 -18.29 -15.49
CA VAL A 40 4.31 -17.63 -16.73
C VAL A 40 3.67 -18.65 -17.66
N ASN A 41 4.21 -19.88 -17.66
CA ASN A 41 3.67 -20.89 -18.53
C ASN A 41 2.25 -21.27 -18.13
N GLN A 42 2.01 -21.41 -16.83
CA GLN A 42 0.68 -21.72 -16.31
C GLN A 42 -0.31 -20.62 -16.67
N ALA A 43 0.17 -19.38 -16.68
CA ALA A 43 -0.71 -18.27 -17.00
C ALA A 43 -0.97 -18.17 -18.50
N GLY A 44 -0.34 -19.03 -19.29
CA GLY A 44 -0.66 -19.12 -20.70
C GLY A 44 0.41 -18.65 -21.67
N ILE A 45 1.61 -18.35 -21.20
CA ILE A 45 2.69 -18.02 -22.13
C ILE A 45 3.90 -18.91 -21.89
N SER A 46 4.17 -19.80 -22.83
CA SER A 46 5.29 -20.72 -22.68
C SER A 46 6.57 -20.13 -23.30
N GLY A 47 7.69 -20.75 -22.99
CA GLY A 47 8.94 -20.47 -23.67
C GLY A 47 9.73 -19.26 -23.18
N ILE A 48 9.36 -18.73 -22.03
CA ILE A 48 10.12 -17.69 -21.34
C ILE A 48 11.51 -18.22 -20.94
N THR A 49 12.57 -17.45 -21.17
CA THR A 49 13.90 -17.86 -20.73
C THR A 49 14.19 -17.58 -19.26
N GLU A 50 15.22 -18.25 -18.76
CA GLU A 50 15.73 -17.97 -17.44
C GLU A 50 16.17 -16.49 -17.29
N ALA A 51 16.84 -15.94 -18.29
CA ALA A 51 17.29 -14.55 -18.22
C ALA A 51 16.09 -13.59 -18.12
N GLN A 52 15.06 -13.88 -18.90
CA GLN A 52 13.83 -13.09 -18.86
C GLN A 52 13.13 -13.20 -17.49
N ALA A 53 13.05 -14.42 -16.95
CA ALA A 53 12.47 -14.64 -15.64
C ALA A 53 13.26 -13.92 -14.53
N HIS A 54 14.59 -13.94 -14.64
CA HIS A 54 15.44 -13.26 -13.67
C HIS A 54 15.17 -11.75 -13.70
N ILE A 55 14.94 -11.20 -14.89
CA ILE A 55 14.57 -9.80 -15.01
C ILE A 55 13.20 -9.53 -14.37
N ILE A 56 12.25 -10.44 -14.58
CA ILE A 56 10.95 -10.31 -13.96
C ILE A 56 11.07 -10.30 -12.43
N VAL A 57 11.91 -11.17 -11.90
CA VAL A 57 12.11 -11.26 -10.46
C VAL A 57 12.76 -10.02 -9.88
N ASN A 58 13.84 -9.53 -10.49
CA ASN A 58 14.47 -8.28 -10.05
C ASN A 58 13.53 -7.06 -10.12
N ASN A 59 12.68 -7.05 -11.14
CA ASN A 59 11.67 -6.01 -11.22
C ASN A 59 10.69 -6.10 -10.06
N ALA A 60 10.25 -7.32 -9.73
CA ALA A 60 9.41 -7.53 -8.55
C ALA A 60 10.10 -7.07 -7.27
N LEU A 61 11.40 -7.37 -7.16
CA LEU A 61 12.14 -7.03 -5.96
C LEU A 61 12.36 -5.53 -5.83
N LYS A 62 12.21 -4.78 -6.92
CA LYS A 62 12.16 -3.31 -6.81
C LYS A 62 11.11 -2.89 -5.78
N LEU A 63 10.00 -3.62 -5.73
CA LEU A 63 8.87 -3.31 -4.87
C LEU A 63 8.95 -4.04 -3.52
N TYR A 64 9.40 -5.29 -3.57
CA TYR A 64 9.45 -6.13 -2.36
C TYR A 64 10.87 -6.30 -1.85
N SER A 65 11.60 -5.20 -1.68
CA SER A 65 13.02 -5.29 -1.32
C SER A 65 13.25 -5.14 0.18
N GLN A 66 12.25 -4.66 0.91
CA GLN A 66 12.40 -4.61 2.36
C GLN A 66 11.80 -5.85 2.95
N ASP A 67 12.57 -6.54 3.79
CA ASP A 67 11.96 -7.60 4.56
C ASP A 67 11.26 -6.92 5.73
N LYS A 68 9.94 -6.90 5.66
CA LYS A 68 9.10 -6.19 6.62
C LYS A 68 8.98 -6.99 7.91
N THR A 69 8.66 -6.32 9.01
CA THR A 69 8.66 -7.00 10.31
C THR A 69 7.37 -7.79 10.55
N GLY A 70 7.34 -8.52 11.64
CA GLY A 70 6.15 -9.28 12.01
C GLY A 70 5.29 -8.50 12.99
N MET A 71 5.41 -7.17 12.99
CA MET A 71 4.61 -6.32 13.87
C MET A 71 3.14 -6.55 13.52
N VAL A 72 2.33 -6.89 14.53
CA VAL A 72 0.93 -7.15 14.29
C VAL A 72 0.27 -5.86 13.76
N ASP A 73 -0.51 -6.02 12.69
CA ASP A 73 -1.26 -4.94 12.09
C ASP A 73 -2.75 -5.01 12.48
N PHE A 74 -3.17 -4.11 13.35
CA PHE A 74 -4.55 -4.11 13.81
C PHE A 74 -5.53 -3.38 12.89
N ALA A 75 -5.02 -2.80 11.80
CA ALA A 75 -5.92 -2.21 10.79
C ALA A 75 -6.23 -3.21 9.68
N LEU A 76 -5.43 -4.27 9.56
CA LEU A 76 -5.56 -5.19 8.40
C LEU A 76 -6.96 -5.81 8.33
N GLU A 77 -7.58 -5.73 7.15
CA GLU A 77 -8.98 -6.15 7.00
C GLU A 77 -9.22 -7.64 7.29
N SER A 78 -8.32 -8.48 6.79
CA SER A 78 -8.47 -9.91 6.99
C SER A 78 -8.21 -10.30 8.44
N GLY A 79 -7.64 -9.37 9.22
CA GLY A 79 -7.50 -9.62 10.65
C GLY A 79 -8.66 -9.05 11.45
N GLY A 80 -9.66 -8.50 10.76
CA GLY A 80 -10.83 -7.97 11.44
C GLY A 80 -10.93 -6.45 11.43
N GLY A 81 -9.98 -5.78 10.79
CA GLY A 81 -10.05 -4.33 10.66
C GLY A 81 -11.06 -3.98 9.59
N SER A 82 -11.50 -2.73 9.55
CA SER A 82 -12.45 -2.31 8.53
C SER A 82 -12.43 -0.79 8.33
N ILE A 83 -12.83 -0.35 7.13
CA ILE A 83 -12.95 1.07 6.85
C ILE A 83 -14.31 1.60 7.33
N LEU A 84 -14.33 2.70 8.09
CA LEU A 84 -15.60 3.40 8.32
C LEU A 84 -15.79 4.38 7.17
N SER A 85 -16.39 3.89 6.09
CA SER A 85 -16.39 4.64 4.83
C SER A 85 -17.11 6.00 4.97
N THR A 86 -18.09 6.08 5.85
CA THR A 86 -18.82 7.33 6.05
C THR A 86 -17.90 8.48 6.47
N ARG A 87 -16.73 8.15 7.01
CA ARG A 87 -15.82 9.19 7.48
C ARG A 87 -14.54 9.29 6.64
N CYS A 88 -14.58 8.80 5.40
CA CYS A 88 -13.44 8.96 4.49
C CYS A 88 -13.72 10.06 3.46
N SER A 89 -12.66 10.59 2.86
CA SER A 89 -12.81 11.51 1.74
C SER A 89 -13.47 10.77 0.58
N GLU A 90 -14.12 11.51 -0.31
CA GLU A 90 -14.71 10.89 -1.46
C GLU A 90 -13.66 10.28 -2.39
N THR A 91 -13.91 9.05 -2.81
CA THR A 91 -13.04 8.37 -3.74
C THR A 91 -12.95 9.13 -5.07
N TYR A 92 -11.74 9.21 -5.62
CA TYR A 92 -11.49 9.82 -6.92
C TYR A 92 -10.79 8.83 -7.83
N GLU A 93 -11.37 8.51 -8.98
CA GLU A 93 -10.80 7.48 -9.85
C GLU A 93 -9.67 8.00 -10.73
N THR A 94 -8.58 7.25 -10.79
CA THR A 94 -7.46 7.66 -11.62
C THR A 94 -6.96 6.50 -12.47
N LYS A 95 -6.29 6.84 -13.56
CA LYS A 95 -5.60 5.89 -14.42
C LYS A 95 -4.16 6.37 -14.55
N THR A 96 -3.22 5.54 -14.11
CA THR A 96 -1.83 5.94 -14.00
C THR A 96 -0.93 4.90 -14.65
N ALA A 97 0.09 5.35 -15.37
CA ALA A 97 1.08 4.47 -15.99
C ALA A 97 2.18 4.13 -15.02
N LEU A 98 2.40 2.84 -14.75
CA LEU A 98 3.55 2.45 -13.94
C LEU A 98 4.40 1.43 -14.68
N LEU A 99 5.69 1.35 -14.33
CA LEU A 99 6.56 0.35 -14.94
C LEU A 99 6.17 -1.03 -14.42
N SER A 100 5.90 -1.95 -15.34
CA SER A 100 5.46 -3.29 -14.99
C SER A 100 6.63 -4.27 -14.83
N LEU A 101 6.32 -5.49 -14.39
CA LEU A 101 7.27 -6.58 -14.29
C LEU A 101 7.98 -6.82 -15.62
N PHE A 102 7.27 -6.54 -16.71
CA PHE A 102 7.77 -6.77 -18.05
C PHE A 102 8.59 -5.62 -18.59
N GLY A 103 8.82 -4.60 -17.77
CA GLY A 103 9.69 -3.52 -18.20
C GLY A 103 8.98 -2.40 -18.93
N VAL A 104 7.82 -2.67 -19.53
CA VAL A 104 7.06 -1.61 -20.17
C VAL A 104 6.06 -0.98 -19.19
N PRO A 105 5.64 0.27 -19.45
CA PRO A 105 4.57 0.87 -18.66
C PRO A 105 3.23 0.20 -18.96
N LEU A 106 2.40 0.04 -17.93
CA LEU A 106 1.03 -0.44 -18.08
C LEU A 106 0.08 0.55 -17.39
N TRP A 107 -1.20 0.48 -17.74
CA TRP A 107 -2.20 1.33 -17.08
C TRP A 107 -2.72 0.65 -15.80
N TYR A 108 -2.78 1.40 -14.72
CA TYR A 108 -3.38 0.90 -13.50
C TYR A 108 -4.48 1.84 -13.02
N PHE A 109 -5.49 1.27 -12.38
CA PHE A 109 -6.63 2.04 -11.90
C PHE A 109 -6.66 2.04 -10.38
N SER A 110 -6.78 3.22 -9.80
CA SER A 110 -6.92 3.34 -8.35
C SER A 110 -8.31 2.83 -7.92
N GLN A 111 -8.43 2.48 -6.64
CA GLN A 111 -9.57 1.72 -6.15
C GLN A 111 -10.25 2.41 -4.97
N SER A 112 -10.98 1.64 -4.17
CA SER A 112 -11.74 2.16 -3.03
C SER A 112 -10.87 2.16 -1.79
N PRO A 113 -11.31 2.83 -0.72
CA PRO A 113 -10.35 2.91 0.40
C PRO A 113 -10.08 1.56 1.10
N ARG A 114 -10.83 0.53 0.75
CA ARG A 114 -10.58 -0.78 1.35
C ARG A 114 -9.18 -1.28 0.99
N VAL A 115 -8.62 -0.81 -0.14
CA VAL A 115 -7.30 -1.31 -0.52
C VAL A 115 -6.27 -0.86 0.48
N VAL A 116 -6.58 0.19 1.23
CA VAL A 116 -5.59 0.73 2.14
C VAL A 116 -5.28 -0.31 3.24
N ILE A 117 -6.21 -1.24 3.50
CA ILE A 117 -5.98 -2.20 4.58
C ILE A 117 -5.97 -3.66 4.09
N GLN A 118 -5.51 -3.85 2.86
CA GLN A 118 -5.29 -5.20 2.32
C GLN A 118 -3.83 -5.60 2.49
N PRO A 119 -3.54 -6.91 2.44
CA PRO A 119 -2.17 -7.38 2.72
C PRO A 119 -1.18 -7.05 1.60
N ASP A 120 0.09 -6.85 1.97
CA ASP A 120 1.15 -6.53 1.02
C ASP A 120 0.78 -5.32 0.19
N ILE A 121 1.46 -5.13 -0.93
CA ILE A 121 1.28 -3.96 -1.76
C ILE A 121 1.37 -4.42 -3.22
N TYR A 122 0.65 -3.75 -4.09
CA TYR A 122 0.68 -4.06 -5.52
C TYR A 122 0.62 -2.75 -6.29
N PRO A 123 1.38 -2.65 -7.38
CA PRO A 123 1.44 -1.40 -8.17
C PRO A 123 0.06 -0.91 -8.57
N GLY A 124 -0.20 0.38 -8.38
CA GLY A 124 -1.43 1.01 -8.82
C GLY A 124 -2.64 0.70 -7.96
N ASN A 125 -2.46 -0.23 -7.02
CA ASN A 125 -3.57 -0.66 -6.18
C ASN A 125 -3.66 0.29 -4.97
N CYS A 126 -3.98 1.55 -5.25
CA CYS A 126 -4.04 2.56 -4.21
C CYS A 126 -5.40 3.21 -4.21
N TRP A 127 -5.65 3.99 -3.17
CA TRP A 127 -6.87 4.76 -3.04
C TRP A 127 -6.57 6.21 -3.33
N ALA A 128 -7.17 6.75 -4.37
CA ALA A 128 -6.94 8.17 -4.69
C ALA A 128 -8.10 9.05 -4.24
N PHE A 129 -7.75 10.19 -3.65
CA PHE A 129 -8.74 11.23 -3.43
C PHE A 129 -8.28 12.50 -4.12
N LYS A 130 -9.23 13.41 -4.35
CA LYS A 130 -8.99 14.65 -5.10
C LYS A 130 -8.25 15.68 -4.25
N GLY A 131 -7.27 16.34 -4.88
CA GLY A 131 -6.51 17.38 -4.19
C GLY A 131 -5.41 16.76 -3.35
N SER A 132 -4.97 17.47 -2.32
CA SER A 132 -3.85 17.01 -1.48
C SER A 132 -4.21 16.97 0.01
N GLN A 133 -5.50 16.94 0.32
CA GLN A 133 -5.93 16.78 1.69
C GLN A 133 -7.04 15.79 1.76
N GLY A 134 -6.94 14.86 2.70
CA GLY A 134 -7.93 13.81 2.77
C GLY A 134 -7.99 13.15 4.13
N TYR A 135 -9.00 12.29 4.30
CA TYR A 135 -9.33 11.70 5.58
C TYR A 135 -9.62 10.24 5.36
N LEU A 136 -9.18 9.42 6.32
CA LEU A 136 -9.49 8.01 6.29
C LEU A 136 -9.71 7.57 7.72
N VAL A 137 -10.77 6.82 7.98
CA VAL A 137 -10.97 6.35 9.33
C VAL A 137 -11.08 4.84 9.32
N VAL A 138 -10.33 4.19 10.18
CA VAL A 138 -10.32 2.73 10.23
C VAL A 138 -10.70 2.27 11.62
N ARG A 139 -11.58 1.28 11.66
CA ARG A 139 -11.89 0.60 12.91
C ARG A 139 -10.94 -0.59 13.03
N LEU A 140 -10.17 -0.63 14.12
CA LEU A 140 -9.21 -1.69 14.36
C LEU A 140 -9.87 -2.99 14.79
N SER A 141 -9.18 -4.10 14.57
CA SER A 141 -9.68 -5.40 15.01
C SER A 141 -9.63 -5.56 16.54
N MET A 142 -8.77 -4.79 17.21
CA MET A 142 -8.64 -4.83 18.66
C MET A 142 -8.52 -3.44 19.26
N LYS A 143 -8.98 -3.25 20.50
CA LYS A 143 -8.68 -1.99 21.20
C LYS A 143 -7.21 -1.95 21.70
N ILE A 144 -6.44 -0.96 21.27
CA ILE A 144 -5.02 -0.93 21.58
C ILE A 144 -4.49 0.45 22.01
N TYR A 145 -3.38 0.43 22.72
CA TYR A 145 -2.52 1.62 22.81
C TYR A 145 -1.69 1.68 21.55
N PRO A 146 -1.99 2.65 20.68
CA PRO A 146 -1.29 2.68 19.39
C PRO A 146 0.06 3.30 19.59
N THR A 147 1.12 2.67 19.08
CA THR A 147 2.49 3.10 19.36
C THR A 147 3.30 3.35 18.09
N THR A 148 2.95 2.64 17.00
CA THR A 148 3.66 2.73 15.73
C THR A 148 2.67 2.68 14.53
N PHE A 149 2.95 3.44 13.47
CA PHE A 149 2.16 3.40 12.25
C PHE A 149 3.08 3.12 11.09
N THR A 150 2.56 2.42 10.08
CA THR A 150 3.34 2.17 8.89
C THR A 150 2.60 2.74 7.69
N MET A 151 3.29 3.52 6.89
CA MET A 151 2.70 3.92 5.63
C MET A 151 3.56 3.36 4.50
N GLU A 152 2.91 2.86 3.46
CA GLU A 152 3.63 2.32 2.31
C GLU A 152 3.23 3.06 1.05
N HIS A 153 4.20 3.27 0.16
CA HIS A 153 3.94 3.77 -1.19
C HIS A 153 4.85 3.01 -2.14
N ILE A 154 4.53 2.97 -3.42
CA ILE A 154 5.45 2.38 -4.39
C ILE A 154 6.72 3.21 -4.42
N PRO A 155 7.86 2.58 -4.74
CA PRO A 155 9.11 3.33 -4.88
C PRO A 155 9.20 4.08 -6.23
N LYS A 156 10.04 5.11 -6.31
CA LYS A 156 10.20 5.87 -7.56
C LYS A 156 10.65 5.00 -8.75
N THR A 157 11.31 3.88 -8.46
CA THR A 157 11.78 2.97 -9.50
C THR A 157 10.61 2.26 -10.23
N LEU A 158 9.37 2.43 -9.73
CA LEU A 158 8.21 1.88 -10.44
C LEU A 158 7.50 2.94 -11.31
N SER A 159 7.93 4.20 -11.17
CA SER A 159 7.38 5.29 -11.96
C SER A 159 8.15 5.44 -13.25
N PRO A 160 7.44 5.55 -14.39
CA PRO A 160 8.19 5.65 -15.65
C PRO A 160 9.06 6.91 -15.71
N THR A 161 8.80 7.90 -14.84
CA THR A 161 9.61 9.11 -14.80
C THR A 161 10.29 9.30 -13.43
N GLY A 162 10.39 8.21 -12.66
CA GLY A 162 11.08 8.24 -11.38
C GLY A 162 10.47 9.25 -10.42
N ASN A 163 9.13 9.29 -10.38
CA ASN A 163 8.44 10.37 -9.69
C ASN A 163 7.17 9.86 -9.01
N ILE A 164 7.01 10.26 -7.75
CA ILE A 164 5.83 9.90 -6.95
C ILE A 164 5.18 11.15 -6.34
N SER A 165 4.88 12.14 -7.18
CA SER A 165 4.33 13.40 -6.69
C SER A 165 2.93 13.23 -6.04
N SER A 166 2.18 12.23 -6.47
CA SER A 166 0.89 11.97 -5.83
C SER A 166 0.97 11.22 -4.47
N ALA A 167 2.17 10.97 -3.95
CA ALA A 167 2.26 10.27 -2.66
C ALA A 167 1.93 11.22 -1.52
N PRO A 168 1.39 10.69 -0.40
CA PRO A 168 1.13 11.54 0.77
C PRO A 168 2.45 12.13 1.26
N LYS A 169 2.40 13.32 1.85
CA LYS A 169 3.58 13.92 2.44
C LYS A 169 3.32 14.10 3.93
N ASP A 170 2.82 15.27 4.32
CA ASP A 170 2.51 15.53 5.73
C ASP A 170 1.22 14.84 6.12
N PHE A 171 1.23 14.11 7.22
CA PHE A 171 -0.01 13.58 7.76
C PHE A 171 -0.08 13.60 9.30
N ALA A 172 -1.29 13.45 9.82
CA ALA A 172 -1.52 13.42 11.24
C ALA A 172 -2.46 12.26 11.58
N VAL A 173 -2.28 11.68 12.76
CA VAL A 173 -3.05 10.52 13.20
C VAL A 173 -3.70 10.81 14.55
N TYR A 174 -5.00 10.47 14.65
CA TYR A 174 -5.85 10.69 15.83
C TYR A 174 -6.52 9.39 16.31
N GLY A 175 -6.59 9.19 17.62
CA GLY A 175 -7.41 8.12 18.17
C GLY A 175 -8.83 8.68 18.40
N LEU A 176 -9.84 7.95 17.95
CA LEU A 176 -11.24 8.31 18.16
C LEU A 176 -11.86 7.38 19.19
N GLU A 177 -12.47 7.98 20.20
CA GLU A 177 -13.09 7.21 21.26
C GLU A 177 -14.33 6.49 20.74
N THR A 178 -15.08 7.14 19.83
CA THR A 178 -16.24 6.53 19.17
C THR A 178 -16.32 6.97 17.71
N GLU A 179 -17.25 6.37 16.95
CA GLU A 179 -17.48 6.73 15.55
C GLU A 179 -17.96 8.17 15.33
N TYR A 180 -18.39 8.86 16.38
CA TYR A 180 -19.01 10.19 16.20
C TYR A 180 -18.13 11.30 16.70
N GLN A 181 -17.10 10.93 17.45
CA GLN A 181 -16.18 11.93 17.97
C GLN A 181 -15.61 12.74 16.80
N GLU A 182 -15.92 14.03 16.76
CA GLU A 182 -15.44 14.90 15.70
C GLU A 182 -13.94 15.17 15.85
N GLU A 183 -13.53 15.57 17.06
CA GLU A 183 -12.13 15.91 17.32
C GLU A 183 -11.48 14.83 18.17
N GLY A 184 -10.50 14.14 17.60
CA GLY A 184 -9.87 13.01 18.27
C GLY A 184 -8.62 13.39 19.03
N GLN A 185 -8.08 12.45 19.79
CA GLN A 185 -6.82 12.69 20.48
C GLN A 185 -5.68 12.64 19.49
N PRO A 186 -4.84 13.69 19.45
CA PRO A 186 -3.68 13.65 18.55
C PRO A 186 -2.70 12.56 18.95
N LEU A 187 -2.41 11.65 18.03
CA LEU A 187 -1.43 10.61 18.28
C LEU A 187 -0.10 10.97 17.63
N GLY A 188 -0.15 11.80 16.59
CA GLY A 188 1.10 12.26 16.03
C GLY A 188 1.01 13.02 14.72
N ARG A 189 2.08 13.74 14.39
CA ARG A 189 2.24 14.41 13.10
C ARG A 189 3.56 13.94 12.49
N PHE A 190 3.49 13.45 11.25
CA PHE A 190 4.62 12.84 10.57
C PHE A 190 4.64 13.26 9.13
N THR A 191 5.71 12.88 8.44
CA THR A 191 5.84 13.14 7.01
C THR A 191 6.36 11.91 6.28
N TYR A 192 5.63 11.45 5.27
CA TYR A 192 6.13 10.39 4.41
C TYR A 192 7.24 10.98 3.55
N ASP A 193 8.42 10.37 3.59
CA ASP A 193 9.59 10.90 2.86
C ASP A 193 9.73 10.32 1.46
N GLN A 194 9.60 11.17 0.44
CA GLN A 194 9.73 10.70 -0.94
C GLN A 194 11.17 10.21 -1.23
N GLU A 195 12.10 10.54 -0.33
CA GLU A 195 13.49 10.09 -0.46
C GLU A 195 13.80 8.83 0.35
N GLY A 196 12.78 8.24 0.96
CA GLY A 196 12.98 7.11 1.85
C GLY A 196 12.57 5.81 1.19
N ASP A 197 12.45 4.75 1.99
CA ASP A 197 12.03 3.45 1.48
C ASP A 197 10.53 3.39 1.19
N SER A 198 10.14 2.39 0.40
CA SER A 198 8.73 2.14 0.15
C SER A 198 7.92 2.06 1.45
N LEU A 199 8.32 1.19 2.37
CA LEU A 199 7.66 1.06 3.66
C LEU A 199 8.35 1.97 4.70
N GLN A 200 7.56 2.77 5.41
CA GLN A 200 8.14 3.66 6.40
C GLN A 200 7.33 3.58 7.69
N MET A 201 8.06 3.58 8.80
CA MET A 201 7.47 3.45 10.11
C MET A 201 7.58 4.74 10.88
N PHE A 202 6.56 4.99 11.70
CA PHE A 202 6.41 6.26 12.41
C PHE A 202 6.02 5.95 13.88
N HIS A 203 6.76 6.50 14.83
CA HIS A 203 6.53 6.16 16.23
C HIS A 203 5.96 7.38 16.95
N THR A 204 5.02 7.14 17.85
CA THR A 204 4.52 8.19 18.73
C THR A 204 5.66 8.71 19.63
N LEU A 205 5.64 10.00 19.92
CA LEU A 205 6.66 10.62 20.76
C LEU A 205 6.63 10.03 22.18
N GLU A 206 5.43 9.80 22.70
CA GLU A 206 5.23 9.14 23.99
C GLU A 206 4.25 7.97 23.88
N ARG A 207 4.32 7.03 24.83
CA ARG A 207 3.25 6.02 24.91
C ARG A 207 1.94 6.73 25.27
N PRO A 208 0.90 6.54 24.45
CA PRO A 208 -0.37 7.25 24.69
C PRO A 208 -1.01 6.93 26.04
N ASP A 209 -1.69 7.91 26.60
CA ASP A 209 -2.39 7.75 27.86
C ASP A 209 -3.64 6.86 27.72
N GLN A 210 -4.10 6.70 26.48
CA GLN A 210 -5.41 6.09 26.24
C GLN A 210 -5.36 5.05 25.13
N ALA A 211 -6.20 4.02 25.21
CA ALA A 211 -6.28 3.04 24.15
C ALA A 211 -7.47 3.31 23.23
N PHE A 212 -7.33 2.98 21.94
CA PHE A 212 -8.39 3.23 20.96
C PHE A 212 -8.65 2.01 20.09
N GLN A 213 -9.88 1.91 19.58
CA GLN A 213 -10.18 0.92 18.55
C GLN A 213 -10.54 1.62 17.24
N ILE A 214 -10.46 2.94 17.24
CA ILE A 214 -10.71 3.69 16.02
C ILE A 214 -9.62 4.72 15.77
N VAL A 215 -9.14 4.77 14.54
CA VAL A 215 -8.03 5.66 14.23
C VAL A 215 -8.38 6.48 12.99
N GLU A 216 -8.07 7.77 13.04
CA GLU A 216 -8.24 8.68 11.89
C GLU A 216 -6.89 9.11 11.36
N LEU A 217 -6.67 8.85 10.08
CA LEU A 217 -5.54 9.36 9.33
C LEU A 217 -5.99 10.59 8.56
N ARG A 218 -5.28 11.70 8.75
CA ARG A 218 -5.48 12.92 7.93
C ARG A 218 -4.23 13.19 7.10
N VAL A 219 -4.38 13.14 5.79
CA VAL A 219 -3.30 13.51 4.90
C VAL A 219 -3.41 15.00 4.70
N LEU A 220 -2.35 15.73 5.07
CA LEU A 220 -2.36 17.19 5.08
C LEU A 220 -1.76 17.82 3.81
N SER A 221 -0.93 17.05 3.10
CA SER A 221 -0.30 17.50 1.86
C SER A 221 0.23 16.30 1.05
N ASN A 222 0.63 16.54 -0.20
CA ASN A 222 1.23 15.46 -0.99
C ASN A 222 2.58 15.91 -1.57
N TRP A 223 3.17 15.11 -2.46
CA TRP A 223 4.50 15.46 -2.99
C TRP A 223 4.46 16.26 -4.29
N GLY A 224 3.38 17.01 -4.50
CA GLY A 224 3.33 17.97 -5.59
C GLY A 224 2.30 17.74 -6.69
N HIS A 225 1.67 16.56 -6.74
CA HIS A 225 0.69 16.35 -7.81
C HIS A 225 -0.51 17.31 -7.70
N PRO A 226 -0.75 18.08 -8.78
CA PRO A 226 -1.78 19.12 -8.77
C PRO A 226 -3.23 18.59 -8.61
N GLU A 227 -3.52 17.38 -9.09
CA GLU A 227 -4.90 16.89 -9.21
C GLU A 227 -5.38 15.95 -8.08
N TYR A 228 -4.50 15.11 -7.54
CA TYR A 228 -4.94 14.14 -6.54
C TYR A 228 -3.79 13.56 -5.71
N THR A 229 -4.18 12.76 -4.72
CA THR A 229 -3.23 12.08 -3.85
C THR A 229 -3.60 10.60 -3.78
N CYS A 230 -2.57 9.77 -3.78
CA CYS A 230 -2.69 8.32 -3.80
C CYS A 230 -2.15 7.66 -2.57
N LEU A 231 -2.99 6.93 -1.85
CA LEU A 231 -2.56 6.27 -0.62
C LEU A 231 -2.58 4.78 -0.83
N TYR A 232 -1.44 4.12 -0.66
CA TYR A 232 -1.41 2.69 -0.90
C TYR A 232 -1.82 1.87 0.32
N ARG A 233 -0.99 1.92 1.36
CA ARG A 233 -1.26 1.14 2.57
C ARG A 233 -1.00 1.92 3.85
N PHE A 234 -1.84 1.68 4.85
CA PHE A 234 -1.67 2.22 6.18
C PHE A 234 -1.87 1.10 7.23
N ARG A 235 -0.87 0.93 8.08
CA ARG A 235 -0.87 -0.11 9.11
C ARG A 235 -0.85 0.52 10.49
N VAL A 236 -1.47 -0.16 11.45
CA VAL A 236 -1.58 0.39 12.80
C VAL A 236 -1.10 -0.67 13.80
N HIS A 237 -0.09 -0.29 14.59
CA HIS A 237 0.60 -1.18 15.51
C HIS A 237 0.51 -0.64 16.93
N GLY A 238 0.52 -1.55 17.90
CA GLY A 238 0.47 -1.14 19.28
C GLY A 238 0.22 -2.30 20.19
N GLU A 239 -0.29 -2.00 21.37
CA GLU A 239 -0.43 -3.01 22.41
C GLU A 239 -1.89 -3.17 22.84
N PRO A 240 -2.45 -4.37 22.69
CA PRO A 240 -3.84 -4.61 23.11
C PRO A 240 -4.00 -4.39 24.61
N ILE A 241 -5.19 -4.00 25.07
CA ILE A 241 -5.34 -3.74 26.49
C ILE A 241 -5.28 -5.08 27.24
N GLN A 242 -4.76 -5.07 28.48
CA GLN A 242 -4.59 -6.31 29.24
C GLN A 242 -5.82 -6.66 30.07
#